data_6CWW
#
_entry.id   6CWW
#
_cell.length_a   51.055
_cell.length_b   67.129
_cell.length_c   57.669
_cell.angle_alpha   90.00
_cell.angle_beta   105.33
_cell.angle_gamma   90.00
#
_symmetry.space_group_name_H-M   'P 1 21 1'
#
loop_
_entity.id
_entity.type
_entity.pdbx_description
1 polymer 'Methyl-accepting chemotaxis protein'
2 non-polymer 'PROTOPORPHYRIN IX CONTAINING FE'
3 non-polymer "2,2',2''-NITRILOTRIETHANOL"
4 water water
#
_entity_poly.entity_id   1
_entity_poly.type   'polypeptide(L)'
_entity_poly.pdbx_seq_one_letter_code
;MKGT(4CF)VGTWIKTLRDLYGNDVVDESLKSVGWEPDRVITPLEDIDDDEVRRIFAKVSEKTGKNVNEIWREVGRQNIK
TFSEWFPSYFAGRRLVNFLMMMDEVHLQLTKMIKGATPPRLIAKPVAKDAIEMEYVSKRKMYDYFLGLIEGSSKFFKEEI
SVEEVERGEKDGFSRLKVRIKFKNPVFEYKKNENLYFQ
;
_entity_poly.pdbx_strand_id   A,B
#
# COMPACT_ATOMS: atom_id res chain seq x y z
N MET A 1 -23.28 0.65 -9.30
CA MET A 1 -23.39 0.80 -7.85
C MET A 1 -24.70 1.45 -7.49
N LYS A 2 -25.31 1.00 -6.39
CA LYS A 2 -26.59 1.58 -5.99
C LYS A 2 -26.44 3.07 -5.74
N GLY A 3 -27.38 3.86 -6.26
CA GLY A 3 -27.29 5.30 -6.13
C GLY A 3 -27.13 5.75 -4.69
N THR A 4 -27.79 5.06 -3.76
CA THR A 4 -27.63 5.25 -2.32
C THR A 4 -26.17 5.41 -1.92
N VAL A 6 -23.40 5.79 -4.12
CA VAL A 6 -22.76 6.83 -4.91
C VAL A 6 -23.07 8.22 -4.35
N GLY A 7 -24.36 8.47 -4.08
CA GLY A 7 -24.73 9.72 -3.42
C GLY A 7 -23.98 9.94 -2.12
N THR A 8 -23.86 8.87 -1.33
CA THR A 8 -23.08 8.95 -0.10
C THR A 8 -21.65 9.36 -0.40
N TRP A 9 -21.05 8.76 -1.44
CA TRP A 9 -19.67 9.08 -1.80
C TRP A 9 -19.53 10.53 -2.24
N ILE A 10 -20.50 11.03 -3.03
CA ILE A 10 -20.46 12.42 -3.48
C ILE A 10 -20.49 13.37 -2.29
N LYS A 11 -21.40 13.12 -1.34
CA LYS A 11 -21.44 13.96 -0.14
C LYS A 11 -20.07 13.99 0.56
N THR A 12 -19.39 12.85 0.64
CA THR A 12 -18.09 12.87 1.28
C THR A 12 -17.09 13.65 0.46
N LEU A 13 -17.09 13.49 -0.86
CA LEU A 13 -16.26 14.33 -1.71
C LEU A 13 -16.58 15.80 -1.49
N ARG A 14 -17.88 16.12 -1.39
CA ARG A 14 -18.27 17.50 -1.07
C ARG A 14 -17.73 17.91 0.28
N ASP A 15 -18.01 17.08 1.30
CA ASP A 15 -17.63 17.36 2.67
C ASP A 15 -16.12 17.46 2.83
N LEU A 16 -15.35 16.74 2.01
CA LEU A 16 -13.90 16.73 2.09
C LEU A 16 -13.23 17.82 1.26
N TYR A 17 -13.72 18.10 0.06
CA TYR A 17 -13.00 19.01 -0.84
C TYR A 17 -13.79 20.23 -1.31
N GLY A 18 -15.09 20.28 -1.05
CA GLY A 18 -15.80 21.51 -1.34
C GLY A 18 -16.78 21.36 -2.48
N ASN A 19 -17.82 22.21 -2.48
CA ASN A 19 -18.85 22.13 -3.50
C ASN A 19 -18.32 22.50 -4.87
N ASP A 20 -17.36 23.43 -4.92
CA ASP A 20 -16.78 23.83 -6.20
C ASP A 20 -16.17 22.63 -6.92
N VAL A 21 -15.25 21.93 -6.25
CA VAL A 21 -14.59 20.78 -6.87
C VAL A 21 -15.62 19.78 -7.39
N VAL A 22 -16.58 19.44 -6.54
CA VAL A 22 -17.53 18.37 -6.87
C VAL A 22 -18.44 18.80 -8.00
N ASP A 23 -19.04 19.99 -7.90
CA ASP A 23 -20.00 20.42 -8.91
C ASP A 23 -19.36 20.47 -10.29
N GLU A 24 -18.11 20.92 -10.36
CA GLU A 24 -17.41 20.94 -11.65
C GLU A 24 -17.19 19.52 -12.18
N SER A 25 -16.90 18.57 -11.29
CA SER A 25 -16.68 17.19 -11.74
C SER A 25 -17.98 16.48 -12.11
N LEU A 26 -19.08 16.81 -11.43
CA LEU A 26 -20.36 16.23 -11.83
C LEU A 26 -20.87 16.78 -13.15
N LYS A 27 -20.37 17.95 -13.58
CA LYS A 27 -20.78 18.47 -14.88
C LYS A 27 -19.97 17.83 -16.00
N SER A 28 -18.69 17.53 -15.75
CA SER A 28 -17.85 16.92 -16.78
C SER A 28 -18.29 15.50 -17.13
N VAL A 29 -19.20 14.92 -16.36
CA VAL A 29 -19.75 13.60 -16.61
C VAL A 29 -21.19 13.70 -17.12
N GLY A 30 -21.68 14.91 -17.35
CA GLY A 30 -22.99 15.14 -17.93
C GLY A 30 -24.13 15.15 -16.95
N TRP A 31 -23.85 15.12 -15.65
CA TRP A 31 -24.95 15.14 -14.68
C TRP A 31 -25.62 16.51 -14.66
N GLU A 32 -26.94 16.51 -14.62
CA GLU A 32 -27.66 17.77 -14.45
C GLU A 32 -27.36 18.33 -13.05
N PRO A 33 -27.24 19.65 -12.90
CA PRO A 33 -26.89 20.19 -11.59
C PRO A 33 -28.00 20.06 -10.54
N ASP A 34 -29.22 19.64 -10.92
CA ASP A 34 -30.33 19.44 -10.00
C ASP A 34 -30.63 17.97 -9.71
N ARG A 35 -29.73 17.05 -10.07
CA ARG A 35 -30.04 15.62 -9.98
C ARG A 35 -30.26 15.17 -8.54
N VAL A 36 -31.36 14.44 -8.32
CA VAL A 36 -31.65 13.79 -7.04
C VAL A 36 -31.45 12.28 -7.22
N ILE A 37 -30.52 11.73 -6.44
CA ILE A 37 -30.14 10.31 -6.57
C ILE A 37 -31.07 9.48 -5.69
N THR A 38 -32.07 8.87 -6.31
CA THR A 38 -33.01 8.01 -5.60
C THR A 38 -32.29 6.78 -5.06
N PRO A 39 -32.89 6.09 -4.07
CA PRO A 39 -32.24 4.89 -3.50
C PRO A 39 -31.95 3.80 -4.51
N LEU A 40 -33.01 3.30 -5.16
CA LEU A 40 -32.93 2.05 -5.90
C LEU A 40 -32.25 2.19 -7.26
N GLU A 41 -32.13 3.41 -7.79
CA GLU A 41 -31.49 3.54 -9.10
C GLU A 41 -30.05 3.06 -9.01
N ASP A 42 -29.54 2.54 -10.12
CA ASP A 42 -28.20 1.96 -10.19
C ASP A 42 -27.34 2.83 -11.10
N ILE A 43 -26.28 3.41 -10.52
CA ILE A 43 -25.41 4.34 -11.22
C ILE A 43 -24.22 3.59 -11.80
N ASP A 44 -23.89 3.89 -13.06
CA ASP A 44 -22.87 3.15 -13.79
C ASP A 44 -21.49 3.29 -13.14
N ASP A 45 -20.82 2.15 -12.94
CA ASP A 45 -19.54 2.14 -12.22
C ASP A 45 -18.50 3.00 -12.91
N ASP A 46 -18.52 3.07 -14.24
CA ASP A 46 -17.50 3.85 -14.93
C ASP A 46 -17.77 5.35 -14.84
N GLU A 47 -19.05 5.74 -14.71
CA GLU A 47 -19.37 7.14 -14.46
C GLU A 47 -18.78 7.58 -13.13
N VAL A 48 -18.86 6.72 -12.10
CA VAL A 48 -18.24 7.04 -10.83
C VAL A 48 -16.73 7.16 -10.98
N ARG A 49 -16.11 6.25 -11.74
CA ARG A 49 -14.66 6.33 -11.90
C ARG A 49 -14.25 7.67 -12.54
N ARG A 50 -15.00 8.10 -13.55
CA ARG A 50 -14.75 9.40 -14.16
C ARG A 50 -14.87 10.53 -13.15
N ILE A 51 -15.93 10.52 -12.34
CA ILE A 51 -16.12 11.55 -11.32
C ILE A 51 -14.92 11.61 -10.39
N PHE A 52 -14.51 10.45 -9.85
CA PHE A 52 -13.36 10.45 -8.94
C PHE A 52 -12.10 10.91 -9.65
N ALA A 53 -11.99 10.64 -10.95
CA ALA A 53 -10.80 11.04 -11.70
C ALA A 53 -10.70 12.57 -11.80
N LYS A 54 -11.81 13.23 -12.12
CA LYS A 54 -11.81 14.70 -12.23
C LYS A 54 -11.48 15.34 -10.90
N VAL A 55 -12.01 14.80 -9.80
CA VAL A 55 -11.71 15.34 -8.48
C VAL A 55 -10.23 15.17 -8.16
N SER A 56 -9.62 14.08 -8.61
CA SER A 56 -8.18 13.91 -8.41
C SER A 56 -7.40 15.03 -9.09
N GLU A 57 -7.81 15.40 -10.30
CA GLU A 57 -7.21 16.57 -10.97
C GLU A 57 -7.38 17.82 -10.14
N LYS A 58 -8.62 18.27 -10.00
CA LYS A 58 -9.03 19.51 -9.35
C LYS A 58 -8.63 19.57 -7.90
N THR A 59 -7.92 18.59 -7.35
CA THR A 59 -7.40 18.69 -5.99
C THR A 59 -5.92 18.37 -5.87
N GLY A 60 -5.32 17.73 -6.87
CA GLY A 60 -3.94 17.31 -6.76
C GLY A 60 -3.70 16.15 -5.85
N LYS A 61 -4.75 15.50 -5.36
CA LYS A 61 -4.58 14.34 -4.50
C LYS A 61 -4.83 13.06 -5.28
N ASN A 62 -4.05 12.03 -4.95
CA ASN A 62 -4.12 10.76 -5.63
C ASN A 62 -5.49 10.12 -5.42
N VAL A 63 -6.04 9.56 -6.49
CA VAL A 63 -7.40 9.04 -6.43
C VAL A 63 -7.50 7.84 -5.49
N ASN A 64 -6.38 7.12 -5.29
CA ASN A 64 -6.37 6.04 -4.32
C ASN A 64 -6.56 6.57 -2.91
N GLU A 65 -5.92 7.70 -2.58
CA GLU A 65 -6.10 8.30 -1.27
C GLU A 65 -7.51 8.86 -1.09
N ILE A 66 -8.11 9.34 -2.18
CA ILE A 66 -9.50 9.80 -2.11
C ILE A 66 -10.43 8.64 -1.80
N TRP A 67 -10.27 7.52 -2.51
CA TRP A 67 -11.05 6.32 -2.24
C TRP A 67 -10.81 5.82 -0.82
N ARG A 68 -9.56 5.88 -0.36
CA ARG A 68 -9.27 5.44 1.00
C ARG A 68 -10.02 6.29 2.00
N GLU A 69 -10.03 7.62 1.81
CA GLU A 69 -10.70 8.49 2.78
C GLU A 69 -12.21 8.31 2.69
N VAL A 70 -12.76 8.13 1.49
CA VAL A 70 -14.19 7.89 1.35
C VAL A 70 -14.58 6.63 2.10
N GLY A 71 -13.72 5.60 2.02
CA GLY A 71 -13.95 4.39 2.77
C GLY A 71 -13.92 4.62 4.26
N ARG A 72 -12.91 5.34 4.75
CA ARG A 72 -12.82 5.61 6.18
C ARG A 72 -14.07 6.32 6.68
N GLN A 73 -14.58 7.26 5.90
CA GLN A 73 -15.72 8.06 6.36
C GLN A 73 -17.07 7.34 6.22
N ASN A 74 -17.16 6.33 5.34
CA ASN A 74 -18.42 5.65 5.05
C ASN A 74 -18.89 4.79 6.21
N ILE A 75 -17.96 4.26 7.00
CA ILE A 75 -18.38 3.37 8.06
C ILE A 75 -19.36 4.07 9.01
N LYS A 76 -19.10 5.33 9.33
CA LYS A 76 -20.00 6.10 10.21
C LYS A 76 -21.42 6.11 9.62
N THR A 77 -21.51 6.34 8.32
CA THR A 77 -22.81 6.42 7.65
C THR A 77 -23.53 5.08 7.69
N PHE A 78 -22.80 3.98 7.55
CA PHE A 78 -23.43 2.67 7.63
C PHE A 78 -23.99 2.40 9.02
N SER A 79 -23.35 2.93 10.07
CA SER A 79 -23.90 2.76 11.41
C SER A 79 -25.23 3.49 11.56
N GLU A 80 -25.42 4.58 10.81
CA GLU A 80 -26.72 5.25 10.85
C GLU A 80 -27.82 4.40 10.24
N TRP A 81 -27.49 3.60 9.22
CA TRP A 81 -28.50 2.83 8.49
C TRP A 81 -28.71 1.45 9.08
N PHE A 82 -27.65 0.83 9.57
CA PHE A 82 -27.68 -0.56 10.06
C PHE A 82 -27.11 -0.63 11.47
N PRO A 83 -27.74 0.03 12.45
CA PRO A 83 -27.16 0.03 13.80
C PRO A 83 -27.04 -1.35 14.42
N SER A 84 -27.91 -2.29 14.04
CA SER A 84 -27.83 -3.65 14.58
C SER A 84 -26.53 -4.35 14.23
N TYR A 85 -25.93 -4.03 13.07
CA TYR A 85 -24.64 -4.64 12.74
C TYR A 85 -23.53 -4.15 13.65
N PHE A 86 -23.70 -2.99 14.28
CA PHE A 86 -22.65 -2.45 15.11
C PHE A 86 -22.86 -2.73 16.58
N ALA A 87 -24.12 -2.91 16.99
CA ALA A 87 -24.48 -2.95 18.40
C ALA A 87 -23.88 -4.18 19.08
N GLY A 88 -23.21 -3.96 20.21
CA GLY A 88 -22.67 -5.04 21.00
C GLY A 88 -21.57 -5.85 20.37
N ARG A 89 -21.00 -5.41 19.25
CA ARG A 89 -19.97 -6.19 18.57
C ARG A 89 -18.59 -5.65 18.85
N ARG A 90 -17.61 -6.56 18.85
CA ARG A 90 -16.22 -6.18 18.81
C ARG A 90 -15.74 -6.16 17.37
N LEU A 91 -14.63 -5.44 17.14
CA LEU A 91 -14.16 -5.22 15.79
C LEU A 91 -13.97 -6.53 15.04
N VAL A 92 -13.34 -7.53 15.68
CA VAL A 92 -13.00 -8.73 14.92
C VAL A 92 -14.27 -9.43 14.46
N ASN A 93 -15.31 -9.46 15.30
CA ASN A 93 -16.56 -10.13 14.93
C ASN A 93 -17.32 -9.34 13.86
N PHE A 94 -17.23 -8.00 13.93
CA PHE A 94 -17.76 -7.17 12.83
C PHE A 94 -17.07 -7.52 11.52
N LEU A 95 -15.73 -7.55 11.51
CA LEU A 95 -15.02 -7.87 10.27
C LEU A 95 -15.38 -9.27 9.78
N MET A 96 -15.43 -10.26 10.67
CA MET A 96 -15.71 -11.62 10.20
C MET A 96 -17.12 -11.79 9.65
N MET A 97 -18.06 -10.90 9.95
CA MET A 97 -19.40 -11.06 9.41
C MET A 97 -19.63 -10.28 8.12
N MET A 98 -18.63 -9.54 7.63
CA MET A 98 -18.91 -8.66 6.50
C MET A 98 -19.23 -9.44 5.23
N ASP A 99 -18.57 -10.58 5.03
CA ASP A 99 -18.87 -11.36 3.82
C ASP A 99 -20.35 -11.73 3.79
N GLU A 100 -20.86 -12.24 4.91
CA GLU A 100 -22.26 -12.65 4.96
C GLU A 100 -23.19 -11.45 4.78
N VAL A 101 -22.86 -10.32 5.41
CA VAL A 101 -23.68 -9.12 5.33
C VAL A 101 -23.84 -8.68 3.88
N HIS A 102 -22.74 -8.70 3.10
CA HIS A 102 -22.81 -8.23 1.73
C HIS A 102 -23.62 -9.17 0.86
N LEU A 103 -23.64 -10.46 1.20
CA LEU A 103 -24.57 -11.36 0.53
C LEU A 103 -26.02 -11.04 0.92
N GLN A 104 -26.29 -10.92 2.23
CA GLN A 104 -27.68 -10.73 2.68
C GLN A 104 -28.29 -9.47 2.11
N LEU A 105 -27.48 -8.42 1.97
CA LEU A 105 -27.98 -7.10 1.60
C LEU A 105 -28.14 -6.92 0.09
N THR A 106 -27.61 -7.83 -0.74
CA THR A 106 -27.76 -7.75 -2.19
C THR A 106 -28.58 -8.90 -2.79
N LYS A 107 -29.00 -9.88 -1.98
CA LYS A 107 -29.54 -11.11 -2.54
C LYS A 107 -30.92 -10.91 -3.16
N MET A 108 -31.60 -9.82 -2.82
CA MET A 108 -32.90 -9.48 -3.40
C MET A 108 -32.78 -8.71 -4.71
N ILE A 109 -31.55 -8.43 -5.16
CA ILE A 109 -31.32 -7.60 -6.33
C ILE A 109 -30.90 -8.49 -7.48
N LYS A 110 -31.67 -8.46 -8.57
CA LYS A 110 -31.35 -9.25 -9.74
C LYS A 110 -29.95 -8.93 -10.24
N GLY A 111 -29.16 -9.97 -10.48
CA GLY A 111 -27.86 -9.75 -11.06
C GLY A 111 -26.83 -9.11 -10.17
N ALA A 112 -27.07 -9.05 -8.86
CA ALA A 112 -26.10 -8.46 -7.96
C ALA A 112 -24.82 -9.30 -7.92
N THR A 113 -23.70 -8.60 -7.80
CA THR A 113 -22.37 -9.24 -7.69
C THR A 113 -21.64 -8.58 -6.52
N PRO A 114 -22.01 -8.93 -5.28
CA PRO A 114 -21.40 -8.29 -4.14
C PRO A 114 -19.95 -8.73 -4.01
N PRO A 115 -19.11 -7.91 -3.41
CA PRO A 115 -17.72 -8.33 -3.19
C PRO A 115 -17.67 -9.47 -2.18
N ARG A 116 -16.70 -10.34 -2.34
CA ARG A 116 -16.44 -11.35 -1.33
C ARG A 116 -15.42 -10.77 -0.35
N LEU A 117 -15.61 -11.04 0.93
CA LEU A 117 -14.77 -10.46 1.98
C LEU A 117 -14.44 -11.49 3.04
N ILE A 118 -14.15 -12.73 2.62
CA ILE A 118 -13.95 -13.81 3.57
C ILE A 118 -12.81 -13.48 4.51
N ALA A 119 -13.03 -13.67 5.80
CA ALA A 119 -12.02 -13.50 6.83
C ALA A 119 -11.81 -14.80 7.59
N LYS A 120 -10.58 -15.04 8.02
CA LYS A 120 -10.34 -16.22 8.82
C LYS A 120 -9.26 -15.93 9.85
N PRO A 121 -9.35 -16.51 11.04
CA PRO A 121 -8.34 -16.25 12.06
C PRO A 121 -7.02 -16.94 11.71
N VAL A 122 -5.91 -16.25 11.94
CA VAL A 122 -4.60 -16.83 11.69
C VAL A 122 -3.65 -16.71 12.88
N ALA A 123 -4.05 -16.07 13.97
CA ALA A 123 -3.26 -16.00 15.19
C ALA A 123 -4.16 -15.49 16.31
N LYS A 124 -3.63 -15.46 17.53
CA LYS A 124 -4.45 -14.99 18.63
C LYS A 124 -4.84 -13.52 18.47
N ASP A 125 -4.06 -12.77 17.70
CA ASP A 125 -4.28 -11.33 17.56
C ASP A 125 -4.37 -10.92 16.09
N ALA A 126 -4.77 -11.83 15.20
CA ALA A 126 -4.82 -11.47 13.78
C ALA A 126 -5.81 -12.32 13.00
N ILE A 127 -6.31 -11.75 11.89
CA ILE A 127 -7.13 -12.46 10.91
C ILE A 127 -6.58 -12.11 9.53
N GLU A 128 -6.88 -12.97 8.56
CA GLU A 128 -6.70 -12.61 7.16
C GLU A 128 -8.07 -12.29 6.58
N MET A 129 -8.09 -11.36 5.62
CA MET A 129 -9.34 -11.05 4.94
C MET A 129 -8.99 -10.85 3.47
N GLU A 130 -9.80 -11.43 2.58
CA GLU A 130 -9.53 -11.36 1.15
C GLU A 130 -10.69 -10.71 0.43
N TYR A 131 -10.42 -9.57 -0.19
CA TYR A 131 -11.36 -8.91 -1.09
C TYR A 131 -11.30 -9.57 -2.46
N VAL A 132 -12.45 -9.93 -3.02
CA VAL A 132 -12.55 -10.54 -4.34
C VAL A 132 -13.70 -9.89 -5.08
N SER A 133 -13.41 -9.25 -6.21
CA SER A 133 -14.48 -8.52 -6.90
C SER A 133 -14.06 -8.16 -8.32
N LYS A 134 -15.07 -8.09 -9.21
CA LYS A 134 -14.83 -7.53 -10.53
C LYS A 134 -14.45 -6.06 -10.47
N ARG A 135 -14.81 -5.36 -9.38
CA ARG A 135 -14.78 -3.89 -9.40
C ARG A 135 -13.43 -3.29 -9.03
N LYS A 136 -12.52 -4.05 -8.45
CA LYS A 136 -11.17 -3.57 -8.16
C LYS A 136 -11.16 -2.29 -7.33
N MET A 137 -11.96 -2.23 -6.28
CA MET A 137 -11.94 -1.05 -5.42
C MET A 137 -11.06 -1.30 -4.19
N TYR A 138 -9.76 -1.50 -4.47
CA TYR A 138 -8.81 -1.85 -3.43
C TYR A 138 -8.75 -0.83 -2.32
N ASP A 139 -8.67 0.47 -2.66
CA ASP A 139 -8.45 1.48 -1.62
C ASP A 139 -9.70 1.75 -0.83
N TYR A 140 -10.86 1.65 -1.47
CA TYR A 140 -12.12 1.70 -0.75
C TYR A 140 -12.17 0.60 0.31
N PHE A 141 -11.83 -0.63 -0.09
CA PHE A 141 -11.77 -1.77 0.83
C PHE A 141 -10.84 -1.48 2.00
N LEU A 142 -9.61 -1.03 1.70
CA LEU A 142 -8.68 -0.72 2.78
C LEU A 142 -9.21 0.41 3.68
N GLY A 143 -9.81 1.45 3.08
CA GLY A 143 -10.33 2.54 3.89
C GLY A 143 -11.44 2.11 4.83
N LEU A 144 -12.26 1.15 4.40
CA LEU A 144 -13.37 0.70 5.23
C LEU A 144 -12.84 -0.10 6.41
N ILE A 145 -11.78 -0.87 6.20
CA ILE A 145 -11.18 -1.54 7.36
C ILE A 145 -10.69 -0.49 8.36
N GLU A 146 -10.03 0.56 7.87
CA GLU A 146 -9.49 1.57 8.78
C GLU A 146 -10.60 2.32 9.49
N GLY A 147 -11.68 2.62 8.77
CA GLY A 147 -12.80 3.28 9.42
C GLY A 147 -13.47 2.41 10.46
N SER A 148 -13.49 1.09 10.24
CA SER A 148 -14.07 0.18 11.24
C SER A 148 -13.22 0.18 12.50
N SER A 149 -11.90 0.21 12.33
CA SER A 149 -11.02 0.26 13.50
C SER A 149 -11.25 1.54 14.30
N LYS A 150 -11.45 2.66 13.62
CA LYS A 150 -11.74 3.91 14.33
C LYS A 150 -13.11 3.87 15.00
N PHE A 151 -14.12 3.36 14.30
CA PHE A 151 -15.45 3.30 14.87
C PHE A 151 -15.46 2.50 16.16
N PHE A 152 -14.87 1.30 16.13
CA PHE A 152 -14.88 0.42 17.29
C PHE A 152 -13.79 0.76 18.30
N LYS A 153 -12.91 1.70 17.98
CA LYS A 153 -11.83 2.12 18.85
C LYS A 153 -10.92 0.93 19.23
N GLU A 154 -10.62 0.10 18.24
CA GLU A 154 -9.67 -1.01 18.40
C GLU A 154 -8.55 -0.83 17.39
N GLU A 155 -7.33 -0.57 17.87
CA GLU A 155 -6.28 -0.28 16.92
C GLU A 155 -5.79 -1.57 16.26
N ILE A 156 -5.43 -1.44 14.99
CA ILE A 156 -5.01 -2.55 14.15
C ILE A 156 -3.85 -2.09 13.29
N SER A 157 -3.12 -3.07 12.74
CA SER A 157 -2.19 -2.83 11.65
C SER A 157 -2.56 -3.72 10.47
N VAL A 158 -2.45 -3.19 9.26
CA VAL A 158 -2.90 -3.89 8.05
C VAL A 158 -1.69 -4.16 7.18
N GLU A 159 -1.41 -5.44 6.95
CA GLU A 159 -0.33 -5.87 6.08
C GLU A 159 -0.92 -6.43 4.80
N GLU A 160 -0.51 -5.87 3.67
N GLU A 160 -0.46 -5.92 3.66
CA GLU A 160 -0.96 -6.35 2.37
CA GLU A 160 -0.95 -6.33 2.35
C GLU A 160 -0.13 -7.56 1.98
C GLU A 160 -0.14 -7.52 1.84
N VAL A 161 -0.80 -8.66 1.69
CA VAL A 161 -0.15 -9.95 1.41
C VAL A 161 -0.13 -10.25 -0.08
N GLU A 162 -1.26 -10.13 -0.76
CA GLU A 162 -1.26 -10.34 -2.19
C GLU A 162 -2.33 -9.50 -2.85
N ARG A 163 -2.03 -9.08 -4.08
CA ARG A 163 -2.88 -8.23 -4.90
C ARG A 163 -2.72 -8.66 -6.35
N GLY A 164 -3.83 -8.69 -7.08
CA GLY A 164 -3.73 -9.03 -8.49
C GLY A 164 -5.08 -9.35 -9.07
N GLU A 165 -5.13 -9.37 -10.40
N GLU A 165 -5.11 -9.46 -10.40
CA GLU A 165 -6.33 -9.74 -11.13
CA GLU A 165 -6.34 -9.70 -11.15
C GLU A 165 -6.16 -11.11 -11.74
C GLU A 165 -6.22 -11.04 -11.87
N LYS A 166 -7.19 -11.93 -11.63
CA LYS A 166 -7.30 -13.22 -12.29
C LYS A 166 -8.59 -13.17 -13.09
N ASP A 167 -8.48 -13.33 -14.42
CA ASP A 167 -9.63 -13.10 -15.27
C ASP A 167 -10.08 -11.65 -15.00
N GLY A 168 -11.35 -11.42 -14.67
CA GLY A 168 -11.78 -10.09 -14.31
C GLY A 168 -11.86 -9.85 -12.82
N PHE A 169 -11.68 -10.90 -12.02
CA PHE A 169 -11.75 -10.78 -10.57
C PHE A 169 -10.46 -10.21 -10.02
N SER A 170 -10.56 -9.02 -9.45
CA SER A 170 -9.50 -8.47 -8.64
C SER A 170 -9.51 -9.12 -7.26
N ARG A 171 -8.33 -9.25 -6.66
CA ARG A 171 -8.18 -9.88 -5.37
C ARG A 171 -7.13 -9.14 -4.58
N LEU A 172 -7.40 -8.92 -3.30
CA LEU A 172 -6.49 -8.23 -2.38
C LEU A 172 -6.61 -8.95 -1.05
N LYS A 173 -5.53 -9.60 -0.62
CA LYS A 173 -5.51 -10.33 0.65
C LYS A 173 -4.66 -9.55 1.64
N VAL A 174 -5.19 -9.30 2.84
CA VAL A 174 -4.49 -8.53 3.87
C VAL A 174 -4.47 -9.33 5.17
N ARG A 175 -3.46 -9.07 6.00
CA ARG A 175 -3.38 -9.61 7.35
C ARG A 175 -3.61 -8.46 8.34
N ILE A 176 -4.68 -8.59 9.14
CA ILE A 176 -5.08 -7.57 10.11
C ILE A 176 -4.64 -8.02 11.49
N LYS A 177 -3.76 -7.26 12.12
CA LYS A 177 -3.26 -7.59 13.45
C LYS A 177 -3.80 -6.58 14.45
N PHE A 178 -4.40 -7.09 15.52
CA PHE A 178 -5.02 -6.26 16.54
C PHE A 178 -3.99 -5.98 17.64
N LYS A 179 -3.87 -4.71 18.03
CA LYS A 179 -2.87 -4.31 19.01
C LYS A 179 -3.02 -5.07 20.32
N ASN A 180 -4.24 -5.42 20.67
CA ASN A 180 -4.50 -6.36 21.76
C ASN A 180 -5.02 -7.67 21.20
N PRO A 181 -4.75 -8.79 21.87
CA PRO A 181 -5.32 -10.07 21.44
C PRO A 181 -6.84 -9.99 21.33
N VAL A 182 -7.39 -10.67 20.33
CA VAL A 182 -8.84 -10.73 20.14
C VAL A 182 -9.39 -12.14 20.29
N PHE A 183 -8.54 -13.13 20.59
CA PHE A 183 -8.95 -14.51 20.83
C PHE A 183 -8.36 -14.99 22.16
N GLU A 184 -8.85 -16.14 22.65
CA GLU A 184 -9.03 -16.32 24.10
C GLU A 184 -7.94 -17.10 24.84
N TYR A 185 -7.14 -17.94 24.20
CA TYR A 185 -6.08 -18.63 24.96
C TYR A 185 -4.85 -18.95 24.12
N MET B 1 22.13 -11.10 3.21
CA MET B 1 22.39 -9.71 2.90
C MET B 1 23.86 -9.38 3.16
N LYS B 2 24.49 -8.68 2.24
CA LYS B 2 25.89 -8.33 2.44
C LYS B 2 25.99 -7.15 3.42
N GLY B 3 27.16 -7.04 4.05
CA GLY B 3 27.32 -6.07 5.12
C GLY B 3 27.15 -4.63 4.67
N THR B 4 27.54 -4.32 3.43
CA THR B 4 27.46 -2.97 2.87
C THR B 4 26.21 -2.20 3.28
N VAL B 6 23.49 -3.60 5.43
CA VAL B 6 22.99 -3.89 6.76
C VAL B 6 23.54 -2.81 7.71
N GLY B 7 24.86 -2.56 7.66
CA GLY B 7 25.42 -1.47 8.45
C GLY B 7 24.71 -0.16 8.21
N THR B 8 24.42 0.15 6.94
CA THR B 8 23.70 1.37 6.60
C THR B 8 22.31 1.40 7.21
N TRP B 9 21.59 0.27 7.14
CA TRP B 9 20.26 0.22 7.73
C TRP B 9 20.33 0.41 9.25
N ILE B 10 21.29 -0.27 9.90
CA ILE B 10 21.40 -0.13 11.34
C ILE B 10 21.59 1.33 11.71
N LYS B 11 22.46 2.04 10.97
CA LYS B 11 22.68 3.45 11.24
C LYS B 11 21.40 4.25 11.02
N THR B 12 20.64 3.93 9.96
CA THR B 12 19.40 4.66 9.73
C THR B 12 18.40 4.42 10.85
N LEU B 13 18.37 3.21 11.41
CA LEU B 13 17.49 2.97 12.55
C LEU B 13 17.91 3.78 13.77
N ARG B 14 19.22 3.87 14.02
CA ARG B 14 19.71 4.78 15.07
C ARG B 14 19.28 6.21 14.78
N ASP B 15 19.54 6.69 13.56
CA ASP B 15 19.19 8.05 13.15
C ASP B 15 17.70 8.36 13.32
N LEU B 16 16.86 7.36 13.61
CA LEU B 16 15.43 7.55 13.77
C LEU B 16 14.89 7.12 15.13
N TYR B 17 15.57 6.21 15.84
CA TYR B 17 15.01 5.70 17.08
C TYR B 17 16.00 5.70 18.24
N GLY B 18 17.20 6.26 18.09
CA GLY B 18 18.16 6.35 19.17
C GLY B 18 18.87 5.04 19.47
N ASN B 19 20.10 5.13 20.00
CA ASN B 19 20.91 3.94 20.22
C ASN B 19 20.31 3.00 21.26
N ASP B 20 19.50 3.52 22.18
CA ASP B 20 18.97 2.69 23.26
C ASP B 20 18.04 1.60 22.71
N VAL B 21 17.25 1.92 21.71
CA VAL B 21 16.40 0.92 21.05
C VAL B 21 17.21 0.04 20.12
N VAL B 22 18.19 0.60 19.42
CA VAL B 22 18.97 -0.16 18.44
C VAL B 22 19.89 -1.16 19.15
N ASP B 23 20.79 -0.66 20.00
CA ASP B 23 21.70 -1.54 20.73
C ASP B 23 20.94 -2.68 21.41
N GLU B 24 19.89 -2.34 22.15
CA GLU B 24 19.08 -3.36 22.80
C GLU B 24 18.56 -4.38 21.79
N SER B 25 17.95 -3.90 20.70
CA SER B 25 17.42 -4.80 19.69
C SER B 25 18.51 -5.69 19.09
N LEU B 26 19.71 -5.13 18.88
CA LEU B 26 20.73 -5.89 18.14
C LEU B 26 21.33 -7.00 18.98
N LYS B 27 21.50 -6.79 20.28
CA LYS B 27 22.02 -7.91 21.06
C LYS B 27 20.95 -8.93 21.37
N SER B 28 19.68 -8.63 21.10
CA SER B 28 18.63 -9.63 21.23
C SER B 28 18.74 -10.73 20.19
N VAL B 29 19.56 -10.56 19.16
CA VAL B 29 19.83 -11.59 18.17
C VAL B 29 21.21 -12.21 18.30
N GLY B 30 22.03 -11.73 19.23
CA GLY B 30 23.31 -12.34 19.53
C GLY B 30 24.56 -11.55 19.15
N TRP B 31 24.44 -10.27 18.84
CA TRP B 31 25.56 -9.44 18.45
C TRP B 31 25.92 -8.50 19.60
N GLU B 32 27.22 -8.20 19.73
CA GLU B 32 27.59 -7.12 20.64
C GLU B 32 27.15 -5.80 20.03
N PRO B 33 26.43 -4.95 20.78
CA PRO B 33 25.84 -3.73 20.18
C PRO B 33 26.86 -2.69 19.71
N ASP B 34 28.02 -3.16 19.25
CA ASP B 34 28.97 -2.29 18.57
C ASP B 34 29.68 -3.03 17.44
N ARG B 35 29.04 -4.04 16.86
CA ARG B 35 29.66 -4.89 15.85
C ARG B 35 30.04 -4.07 14.63
N VAL B 36 31.30 -4.16 14.23
CA VAL B 36 31.78 -3.50 13.03
C VAL B 36 31.50 -4.44 11.85
N ILE B 37 30.63 -4.00 10.95
CA ILE B 37 30.20 -4.75 9.78
C ILE B 37 30.99 -4.27 8.57
N THR B 38 31.42 -5.20 7.71
CA THR B 38 32.25 -4.87 6.56
C THR B 38 31.51 -5.11 5.25
N PRO B 39 31.95 -4.48 4.15
CA PRO B 39 31.20 -4.56 2.90
C PRO B 39 30.84 -5.96 2.43
N LEU B 40 31.68 -6.96 2.68
CA LEU B 40 31.48 -8.26 2.05
C LEU B 40 31.15 -9.38 3.01
N GLU B 41 31.14 -9.15 4.32
CA GLU B 41 30.72 -10.21 5.22
C GLU B 41 29.21 -10.43 5.08
N ASP B 42 28.80 -11.67 5.31
CA ASP B 42 27.42 -12.07 5.05
C ASP B 42 26.60 -12.02 6.33
N ILE B 43 25.39 -11.47 6.24
CA ILE B 43 24.50 -11.38 7.38
C ILE B 43 23.25 -12.20 7.08
N ASP B 44 22.82 -12.99 8.06
CA ASP B 44 21.58 -13.75 7.94
C ASP B 44 20.43 -12.81 7.64
N ASP B 45 19.67 -13.15 6.59
CA ASP B 45 18.46 -12.37 6.29
C ASP B 45 17.47 -12.43 7.44
N ASP B 46 17.39 -13.56 8.15
CA ASP B 46 16.49 -13.64 9.29
C ASP B 46 17.04 -12.92 10.51
N GLU B 47 18.36 -12.80 10.64
CA GLU B 47 18.89 -11.99 11.73
C GLU B 47 18.50 -10.52 11.57
N VAL B 48 18.56 -9.99 10.34
CA VAL B 48 18.03 -8.64 10.10
C VAL B 48 16.53 -8.62 10.34
N ARG B 49 15.85 -9.72 9.99
CA ARG B 49 14.41 -9.88 10.26
C ARG B 49 14.07 -9.59 11.72
N ARG B 50 14.71 -10.31 12.64
CA ARG B 50 14.40 -10.18 14.06
C ARG B 50 14.83 -8.82 14.60
N ILE B 51 15.92 -8.26 14.08
CA ILE B 51 16.33 -6.92 14.49
C ILE B 51 15.22 -5.92 14.23
N PHE B 52 14.72 -5.86 12.98
CA PHE B 52 13.64 -4.94 12.66
C PHE B 52 12.38 -5.27 13.47
N ALA B 53 12.15 -6.56 13.74
CA ALA B 53 10.99 -6.95 14.53
C ALA B 53 11.08 -6.38 15.95
N LYS B 54 12.24 -6.50 16.59
CA LYS B 54 12.39 -5.97 17.93
C LYS B 54 12.36 -4.46 17.94
N VAL B 55 12.82 -3.82 16.86
CA VAL B 55 12.69 -2.37 16.80
C VAL B 55 11.23 -1.98 16.66
N SER B 56 10.46 -2.74 15.87
CA SER B 56 9.03 -2.50 15.75
C SER B 56 8.33 -2.65 17.10
N GLU B 57 8.72 -3.66 17.88
CA GLU B 57 8.07 -3.89 19.16
C GLU B 57 8.34 -2.75 20.13
N LYS B 58 9.61 -2.39 20.31
CA LYS B 58 10.00 -1.42 21.31
C LYS B 58 9.79 0.04 20.86
N THR B 59 9.11 0.27 19.74
CA THR B 59 8.79 1.63 19.31
C THR B 59 7.32 1.84 19.01
N GLY B 60 6.52 0.79 18.94
CA GLY B 60 5.13 0.92 18.55
C GLY B 60 4.91 1.25 17.10
N LYS B 61 5.94 1.16 16.27
CA LYS B 61 5.80 1.44 14.84
C LYS B 61 5.76 0.13 14.07
N ASN B 62 4.83 0.04 13.11
CA ASN B 62 4.72 -1.19 12.35
C ASN B 62 5.94 -1.34 11.43
N VAL B 63 6.42 -2.58 11.32
CA VAL B 63 7.67 -2.85 10.62
C VAL B 63 7.61 -2.45 9.16
N ASN B 64 6.42 -2.42 8.54
CA ASN B 64 6.33 -1.98 7.15
C ASN B 64 6.69 -0.50 7.02
N GLU B 65 6.16 0.33 7.92
CA GLU B 65 6.50 1.75 7.88
C GLU B 65 7.97 1.99 8.21
N ILE B 66 8.55 1.20 9.11
CA ILE B 66 9.99 1.34 9.39
C ILE B 66 10.78 1.10 8.11
N TRP B 67 10.52 -0.04 7.45
CA TRP B 67 11.25 -0.36 6.21
C TRP B 67 11.05 0.72 5.16
N ARG B 68 9.82 1.24 5.01
CA ARG B 68 9.60 2.32 4.05
C ARG B 68 10.49 3.51 4.35
N GLU B 69 10.60 3.90 5.62
CA GLU B 69 11.42 5.06 5.96
C GLU B 69 12.88 4.78 5.72
N VAL B 70 13.35 3.58 6.08
CA VAL B 70 14.74 3.23 5.84
C VAL B 70 15.04 3.33 4.35
N GLY B 71 14.11 2.83 3.51
CA GLY B 71 14.26 3.00 2.08
C GLY B 71 14.34 4.45 1.66
N ARG B 72 13.43 5.28 2.20
CA ARG B 72 13.44 6.71 1.85
C ARG B 72 14.77 7.36 2.21
N GLN B 73 15.32 7.05 3.38
CA GLN B 73 16.54 7.71 3.81
C GLN B 73 17.78 7.17 3.12
N ASN B 74 17.72 5.94 2.63
CA ASN B 74 18.87 5.33 1.97
C ASN B 74 19.26 6.03 0.68
N ILE B 75 18.29 6.64 -0.01
CA ILE B 75 18.65 7.26 -1.28
C ILE B 75 19.72 8.32 -1.07
N LYS B 76 19.61 9.12 -0.01
CA LYS B 76 20.63 10.14 0.26
C LYS B 76 22.02 9.50 0.33
N THR B 77 22.12 8.38 1.05
CA THR B 77 23.42 7.71 1.20
C THR B 77 23.94 7.18 -0.13
N PHE B 78 23.06 6.57 -0.92
CA PHE B 78 23.46 6.10 -2.25
C PHE B 78 23.95 7.25 -3.12
N SER B 79 23.37 8.44 -2.96
CA SER B 79 23.80 9.57 -3.76
C SER B 79 25.21 10.02 -3.41
N GLU B 80 25.65 9.75 -2.18
CA GLU B 80 27.02 10.12 -1.80
C GLU B 80 28.04 9.05 -2.22
N TRP B 81 27.63 7.79 -2.24
CA TRP B 81 28.52 6.71 -2.68
C TRP B 81 28.65 6.66 -4.18
N PHE B 82 27.57 6.93 -4.91
CA PHE B 82 27.54 6.83 -6.37
C PHE B 82 26.97 8.11 -6.96
N PRO B 83 27.68 9.23 -6.82
CA PRO B 83 27.14 10.48 -7.36
C PRO B 83 26.93 10.44 -8.85
N SER B 84 27.68 9.61 -9.58
CA SER B 84 27.55 9.55 -11.04
C SER B 84 26.20 8.98 -11.46
N TYR B 85 25.58 8.16 -10.62
CA TYR B 85 24.29 7.61 -10.99
C TYR B 85 23.18 8.66 -10.87
N PHE B 86 23.43 9.75 -10.13
CA PHE B 86 22.41 10.75 -9.86
C PHE B 86 22.60 12.05 -10.63
N ALA B 87 23.84 12.46 -10.86
CA ALA B 87 24.12 13.80 -11.38
C ALA B 87 23.52 14.01 -12.78
N GLY B 88 22.84 15.15 -12.94
CA GLY B 88 22.31 15.56 -14.23
C GLY B 88 21.30 14.61 -14.85
N ARG B 89 20.60 13.82 -14.04
CA ARG B 89 19.68 12.83 -14.56
C ARG B 89 18.25 13.18 -14.19
N ARG B 90 17.31 12.70 -15.00
CA ARG B 90 15.90 12.81 -14.65
C ARG B 90 15.48 11.55 -13.90
N LEU B 91 14.40 11.68 -13.11
CA LEU B 91 13.97 10.57 -12.27
C LEU B 91 13.59 9.35 -13.09
N VAL B 92 12.94 9.55 -14.24
CA VAL B 92 12.51 8.39 -15.01
C VAL B 92 13.71 7.61 -15.52
N ASN B 93 14.75 8.30 -15.97
CA ASN B 93 15.91 7.61 -16.52
C ASN B 93 16.68 6.90 -15.41
N PHE B 94 16.75 7.51 -14.23
CA PHE B 94 17.36 6.86 -13.06
C PHE B 94 16.63 5.56 -12.71
N LEU B 95 15.28 5.59 -12.69
CA LEU B 95 14.55 4.38 -12.34
C LEU B 95 14.73 3.29 -13.40
N MET B 96 14.78 3.69 -14.68
CA MET B 96 14.95 2.72 -15.76
C MET B 96 16.32 2.07 -15.71
N MET B 97 17.28 2.74 -15.10
CA MET B 97 18.66 2.29 -14.98
C MET B 97 18.86 1.30 -13.84
N MET B 98 17.89 1.14 -12.94
CA MET B 98 18.19 0.45 -11.68
C MET B 98 18.37 -1.04 -11.85
N ASP B 99 17.60 -1.67 -12.75
CA ASP B 99 17.77 -3.13 -12.93
C ASP B 99 19.22 -3.45 -13.31
N GLU B 100 19.73 -2.77 -14.34
CA GLU B 100 21.09 -3.02 -14.80
C GLU B 100 22.11 -2.67 -13.74
N VAL B 101 21.87 -1.62 -12.96
CA VAL B 101 22.79 -1.23 -11.89
C VAL B 101 22.94 -2.35 -10.88
N HIS B 102 21.84 -2.99 -10.50
CA HIS B 102 21.98 -3.99 -9.43
C HIS B 102 22.67 -5.24 -9.94
N LEU B 103 22.51 -5.56 -11.22
CA LEU B 103 23.28 -6.65 -11.80
C LEU B 103 24.77 -6.32 -11.81
N GLN B 104 25.12 -5.11 -12.26
CA GLN B 104 26.53 -4.77 -12.42
C GLN B 104 27.25 -4.73 -11.08
N LEU B 105 26.59 -4.22 -10.03
CA LEU B 105 27.26 -4.05 -8.75
C LEU B 105 27.40 -5.34 -7.95
N THR B 106 26.78 -6.43 -8.39
CA THR B 106 26.89 -7.71 -7.70
C THR B 106 27.44 -8.82 -8.58
N LYS B 107 27.82 -8.51 -9.82
CA LYS B 107 28.24 -9.54 -10.77
C LYS B 107 29.53 -10.23 -10.37
N MET B 108 30.30 -9.66 -9.43
N MET B 108 30.28 -9.65 -9.44
CA MET B 108 31.55 -10.26 -9.02
CA MET B 108 31.55 -10.21 -8.99
C MET B 108 31.41 -11.04 -7.71
C MET B 108 31.41 -11.07 -7.73
N ILE B 109 30.19 -11.21 -7.22
CA ILE B 109 29.93 -11.90 -5.96
C ILE B 109 29.34 -13.26 -6.26
N LYS B 110 30.00 -14.32 -5.79
CA LYS B 110 29.50 -15.67 -5.99
C LYS B 110 28.15 -15.87 -5.32
N GLY B 111 27.23 -16.51 -6.04
CA GLY B 111 25.91 -16.78 -5.51
C GLY B 111 25.03 -15.57 -5.29
N ALA B 112 25.38 -14.42 -5.85
CA ALA B 112 24.60 -13.21 -5.62
C ALA B 112 23.26 -13.31 -6.34
N THR B 113 22.22 -12.77 -5.70
CA THR B 113 20.87 -12.79 -6.26
C THR B 113 20.29 -11.41 -6.05
N PRO B 114 20.68 -10.44 -6.87
CA PRO B 114 20.19 -9.08 -6.71
C PRO B 114 18.71 -9.04 -7.01
N PRO B 115 18.01 -8.02 -6.53
CA PRO B 115 16.63 -7.83 -6.94
C PRO B 115 16.58 -7.46 -8.42
N ARG B 116 15.59 -7.98 -9.12
CA ARG B 116 15.25 -7.47 -10.44
C ARG B 116 14.32 -6.28 -10.24
N LEU B 117 14.51 -5.24 -11.05
CA LEU B 117 13.77 -3.96 -10.91
C LEU B 117 13.36 -3.44 -12.29
N ILE B 118 12.75 -4.31 -13.08
CA ILE B 118 12.54 -3.99 -14.49
C ILE B 118 11.48 -2.91 -14.62
N ALA B 119 11.87 -1.81 -15.28
CA ALA B 119 11.00 -0.69 -15.57
C ALA B 119 10.65 -0.65 -17.05
N LYS B 120 9.45 -0.15 -17.37
CA LYS B 120 9.07 -0.02 -18.77
C LYS B 120 8.02 1.07 -18.88
N PRO B 121 8.05 1.89 -19.94
CA PRO B 121 7.01 2.90 -20.11
C PRO B 121 5.70 2.25 -20.41
N VAL B 122 4.61 2.83 -19.88
CA VAL B 122 3.29 2.26 -20.16
C VAL B 122 2.31 3.33 -20.63
N ALA B 123 2.69 4.61 -20.53
CA ALA B 123 1.86 5.71 -20.98
C ALA B 123 2.76 6.93 -21.14
N LYS B 124 2.21 7.99 -21.73
CA LYS B 124 3.03 9.16 -21.98
C LYS B 124 3.63 9.72 -20.69
N ASP B 125 2.99 9.45 -19.55
CA ASP B 125 3.40 10.05 -18.28
C ASP B 125 3.61 9.01 -17.19
N ALA B 126 3.91 7.75 -17.56
CA ALA B 126 3.89 6.68 -16.58
C ALA B 126 4.79 5.53 -17.02
N ILE B 127 5.42 4.90 -16.03
CA ILE B 127 6.16 3.67 -16.23
C ILE B 127 5.62 2.66 -15.24
N GLU B 128 5.87 1.39 -15.53
CA GLU B 128 5.66 0.34 -14.55
C GLU B 128 7.03 -0.19 -14.13
N MET B 129 7.14 -0.54 -12.85
CA MET B 129 8.36 -1.14 -12.33
C MET B 129 7.98 -2.37 -11.54
N GLU B 130 8.66 -3.48 -11.80
CA GLU B 130 8.36 -4.72 -11.10
C GLU B 130 9.58 -5.14 -10.30
N TYR B 131 9.39 -5.25 -8.99
CA TYR B 131 10.39 -5.80 -8.07
C TYR B 131 10.21 -7.30 -8.01
N VAL B 132 11.29 -8.06 -8.19
CA VAL B 132 11.28 -9.52 -8.20
C VAL B 132 12.46 -9.99 -7.36
N SER B 133 12.18 -10.60 -6.21
CA SER B 133 13.27 -11.02 -5.32
C SER B 133 12.72 -11.99 -4.29
N LYS B 134 13.51 -12.99 -3.94
CA LYS B 134 13.07 -13.88 -2.88
C LYS B 134 13.04 -13.22 -1.51
N ARG B 135 13.64 -12.03 -1.38
CA ARG B 135 13.74 -11.38 -0.08
C ARG B 135 12.45 -10.68 0.33
N LYS B 136 11.53 -10.43 -0.59
CA LYS B 136 10.21 -9.90 -0.23
C LYS B 136 10.31 -8.56 0.52
N MET B 137 11.21 -7.65 0.10
CA MET B 137 11.38 -6.38 0.79
C MET B 137 10.54 -5.28 0.12
N TYR B 138 9.22 -5.51 0.19
CA TYR B 138 8.27 -4.67 -0.55
C TYR B 138 8.34 -3.21 -0.11
N ASP B 139 8.27 -2.98 1.20
CA ASP B 139 8.23 -1.59 1.68
C ASP B 139 9.58 -0.89 1.50
N TYR B 140 10.69 -1.63 1.63
CA TYR B 140 11.99 -1.05 1.33
C TYR B 140 12.03 -0.55 -0.13
N PHE B 141 11.62 -1.41 -1.07
CA PHE B 141 11.50 -1.04 -2.47
C PHE B 141 10.65 0.22 -2.65
N LEU B 142 9.45 0.22 -2.06
CA LEU B 142 8.57 1.38 -2.19
C LEU B 142 9.22 2.64 -1.59
N GLY B 143 9.91 2.50 -0.46
CA GLY B 143 10.53 3.67 0.13
C GLY B 143 11.66 4.24 -0.72
N LEU B 144 12.42 3.37 -1.40
CA LEU B 144 13.51 3.84 -2.25
C LEU B 144 12.97 4.62 -3.44
N ILE B 145 11.80 4.23 -3.95
CA ILE B 145 11.15 4.99 -5.02
C ILE B 145 10.75 6.35 -4.50
N GLU B 146 10.14 6.38 -3.32
CA GLU B 146 9.71 7.66 -2.75
C GLU B 146 10.90 8.54 -2.42
N GLY B 147 11.96 7.95 -1.88
CA GLY B 147 13.18 8.71 -1.66
C GLY B 147 13.79 9.25 -2.94
N SER B 148 13.70 8.48 -4.03
CA SER B 148 14.21 8.97 -5.31
C SER B 148 13.37 10.15 -5.80
N SER B 149 12.05 10.05 -5.68
CA SER B 149 11.19 11.17 -6.03
C SER B 149 11.62 12.44 -5.30
N LYS B 150 11.86 12.33 -3.98
CA LYS B 150 12.25 13.51 -3.22
C LYS B 150 13.62 14.03 -3.66
N PHE B 151 14.60 13.13 -3.85
CA PHE B 151 15.93 13.57 -4.26
C PHE B 151 15.89 14.33 -5.59
N PHE B 152 15.21 13.78 -6.61
CA PHE B 152 15.19 14.45 -7.91
C PHE B 152 14.15 15.57 -7.98
N LYS B 153 13.40 15.80 -6.92
CA LYS B 153 12.43 16.89 -6.86
C LYS B 153 11.41 16.75 -7.99
N GLU B 154 10.96 15.52 -8.25
CA GLU B 154 9.97 15.25 -9.29
C GLU B 154 8.81 14.51 -8.67
N GLU B 155 7.62 15.10 -8.74
CA GLU B 155 6.45 14.50 -8.13
C GLU B 155 6.02 13.25 -8.87
N ILE B 156 5.55 12.26 -8.13
CA ILE B 156 5.06 11.01 -8.67
C ILE B 156 3.85 10.56 -7.85
N SER B 157 2.99 9.75 -8.49
CA SER B 157 1.98 8.96 -7.82
C SER B 157 2.29 7.49 -8.09
N VAL B 158 2.28 6.68 -7.04
CA VAL B 158 2.55 5.25 -7.14
C VAL B 158 1.25 4.51 -6.90
N GLU B 159 0.91 3.62 -7.82
CA GLU B 159 -0.25 2.74 -7.72
C GLU B 159 0.26 1.30 -7.74
N GLU B 160 -0.12 0.52 -6.73
CA GLU B 160 0.27 -0.88 -6.66
C GLU B 160 -0.62 -1.72 -7.56
N VAL B 161 0.00 -2.53 -8.41
CA VAL B 161 -0.76 -3.33 -9.40
C VAL B 161 -0.86 -4.79 -8.97
N GLU B 162 0.27 -5.39 -8.61
CA GLU B 162 0.29 -6.80 -8.27
C GLU B 162 1.30 -7.01 -7.15
N ARG B 163 1.03 -7.99 -6.28
CA ARG B 163 1.94 -8.33 -5.19
C ARG B 163 1.75 -9.79 -4.86
N GLY B 164 2.87 -10.50 -4.63
CA GLY B 164 2.75 -11.88 -4.20
C GLY B 164 3.67 -12.79 -4.96
N GLU B 165 3.32 -14.06 -5.04
N GLU B 165 3.31 -14.07 -5.07
CA GLU B 165 4.06 -15.02 -5.86
CA GLU B 165 4.09 -15.04 -5.83
C GLU B 165 3.45 -15.10 -7.25
C GLU B 165 3.44 -15.28 -7.20
N LYS B 166 4.28 -15.49 -8.22
CA LYS B 166 3.82 -15.71 -9.59
C LYS B 166 4.88 -16.51 -10.32
N ASP B 167 4.51 -17.71 -10.78
CA ASP B 167 5.42 -18.58 -11.53
C ASP B 167 6.71 -18.84 -10.77
N GLY B 168 6.58 -19.04 -9.44
CA GLY B 168 7.73 -19.26 -8.59
C GLY B 168 8.53 -18.03 -8.23
N PHE B 169 8.05 -16.84 -8.61
CA PHE B 169 8.74 -15.58 -8.39
C PHE B 169 7.94 -14.70 -7.44
N SER B 170 8.62 -14.03 -6.51
N SER B 170 8.64 -14.02 -6.53
CA SER B 170 8.01 -13.12 -5.55
CA SER B 170 8.02 -13.11 -5.56
C SER B 170 8.18 -11.69 -6.06
C SER B 170 8.18 -11.68 -6.06
N ARG B 171 7.05 -11.00 -6.27
CA ARG B 171 7.01 -9.80 -7.11
C ARG B 171 6.08 -8.73 -6.55
N LEU B 172 6.40 -7.48 -6.85
CA LEU B 172 5.54 -6.32 -6.57
C LEU B 172 5.64 -5.42 -7.78
N LYS B 173 4.54 -5.24 -8.49
CA LYS B 173 4.53 -4.40 -9.67
C LYS B 173 3.77 -3.13 -9.34
N VAL B 174 4.38 -1.98 -9.62
CA VAL B 174 3.77 -0.69 -9.37
C VAL B 174 3.70 0.10 -10.66
N ARG B 175 2.72 0.98 -10.74
CA ARG B 175 2.63 1.95 -11.81
C ARG B 175 2.98 3.32 -11.23
N ILE B 176 3.93 3.99 -11.86
CA ILE B 176 4.46 5.26 -11.37
C ILE B 176 4.11 6.34 -12.37
N LYS B 177 3.36 7.35 -11.94
CA LYS B 177 2.89 8.43 -12.78
C LYS B 177 3.63 9.72 -12.44
N PHE B 178 4.17 10.37 -13.46
CA PHE B 178 4.94 11.59 -13.32
C PHE B 178 4.09 12.76 -13.73
N LYS B 179 4.54 13.96 -13.32
CA LYS B 179 3.87 15.19 -13.72
C LYS B 179 4.45 15.77 -15.00
N ASN B 180 5.58 15.26 -15.47
CA ASN B 180 6.16 15.61 -16.75
C ASN B 180 6.20 14.38 -17.65
N PRO B 181 6.18 14.56 -18.98
CA PRO B 181 6.23 13.41 -19.89
C PRO B 181 7.47 12.55 -19.65
N VAL B 182 7.29 11.23 -19.78
CA VAL B 182 8.42 10.32 -19.58
C VAL B 182 9.47 10.51 -20.68
N PHE B 183 9.04 10.71 -21.93
CA PHE B 183 9.93 10.99 -23.04
C PHE B 183 9.91 12.49 -23.34
N GLU B 184 11.03 13.01 -23.83
CA GLU B 184 11.05 14.44 -24.09
C GLU B 184 11.80 14.79 -25.36
N TYR B 185 11.22 15.73 -26.12
CA TYR B 185 11.84 16.61 -27.11
C TYR B 185 10.74 17.08 -28.06
#